data_3HHF
#
_entry.id   3HHF
#
_cell.length_a   51.600
_cell.length_b   65.600
_cell.length_c   63.500
_cell.angle_alpha   90.00
_cell.angle_beta   105.00
_cell.angle_gamma   90.00
#
_symmetry.space_group_name_H-M   'P 1 21 1'
#
loop_
_entity.id
_entity.type
_entity.pdbx_description
1 polymer 'Transcriptional regulator, LysR family'
2 non-polymer 'CHLORIDE ION'
3 water water
#
_entity_poly.entity_id   1
_entity_poly.type   'polypeptide(L)'
_entity_poly.pdbx_seq_one_letter_code
;GPEIPQGVLSVDSA(MSE)P(MSE)VLHLLAPLAAKFNERYPHIRLSLVSSEGYINLIERKVDIALRAGELDDSGLRARH
LFDSRFRVIASPEYLAKHGTPQSTEELAGHQCLGFTEPGSLNTWAVLDAQGNPYKISPHFTASSGEILRSLCLSGCGIVC
LSDFLVDNDIAEGKLIPLLAEQTSDKTHPFNAVYYSDKAVNLRLRVFLDFLVEELGNNLCG
;
_entity_poly.pdbx_strand_id   B,A
#
# COMPACT_ATOMS: atom_id res chain seq x y z
N PRO A 5 23.85 -10.96 15.05
CA PRO A 5 23.13 -11.04 13.77
C PRO A 5 23.35 -9.79 12.91
N GLN A 6 23.73 -10.00 11.64
CA GLN A 6 24.20 -8.91 10.77
C GLN A 6 24.02 -9.22 9.30
N GLY A 7 23.72 -8.19 8.52
CA GLY A 7 23.48 -8.34 7.07
C GLY A 7 22.04 -8.08 6.69
N VAL A 8 21.75 -8.23 5.40
CA VAL A 8 20.42 -7.96 4.86
C VAL A 8 19.47 -9.16 5.02
N LEU A 9 18.23 -8.90 5.39
CA LEU A 9 17.18 -9.91 5.41
C LEU A 9 16.01 -9.38 4.58
N SER A 10 15.61 -10.12 3.55
CA SER A 10 14.53 -9.69 2.67
C SER A 10 13.23 -10.42 3.00
N VAL A 11 12.18 -9.63 3.27
CA VAL A 11 10.87 -10.15 3.65
C VAL A 11 9.82 -9.69 2.65
N ASP A 12 9.16 -10.65 2.01
CA ASP A 12 8.11 -10.36 1.03
C ASP A 12 6.75 -10.68 1.65
N SER A 13 5.78 -9.81 1.42
CA SER A 13 4.42 -10.07 1.84
C SER A 13 3.46 -9.17 1.11
N ALA A 14 2.16 -9.49 1.18
CA ALA A 14 1.13 -8.61 0.63
C ALA A 14 1.15 -7.26 1.36
N PRO A 16 -1.03 -5.12 2.82
CA PRO A 16 -1.58 -4.90 4.16
C PRO A 16 -0.78 -5.53 5.31
N VAL A 18 2.56 -5.85 5.33
CA VAL A 18 3.77 -5.01 5.47
C VAL A 18 3.48 -3.72 6.21
N LEU A 19 2.37 -3.07 5.86
CA LEU A 19 2.05 -1.74 6.40
C LEU A 19 1.43 -1.78 7.79
N HIS A 20 0.61 -2.80 8.08
CA HIS A 20 -0.13 -2.87 9.34
C HIS A 20 0.52 -3.73 10.40
N LEU A 21 1.40 -4.65 9.99
CA LEU A 21 2.04 -5.58 10.92
C LEU A 21 3.56 -5.44 10.96
N LEU A 22 4.23 -5.53 9.81
CA LEU A 22 5.71 -5.52 9.80
C LEU A 22 6.31 -4.15 10.12
N ALA A 23 5.88 -3.13 9.38
CA ALA A 23 6.40 -1.77 9.54
C ALA A 23 6.34 -1.26 10.98
N PRO A 24 5.16 -1.40 11.64
CA PRO A 24 5.06 -1.01 13.06
C PRO A 24 6.00 -1.76 14.02
N LEU A 25 6.38 -2.99 13.68
CA LEU A 25 7.31 -3.77 14.51
C LEU A 25 8.78 -3.56 14.14
N ALA A 26 9.03 -2.94 12.98
CA ALA A 26 10.37 -2.83 12.43
C ALA A 26 11.31 -1.98 13.29
N ALA A 27 10.77 -1.00 14.01
CA ALA A 27 11.57 -0.14 14.89
C ALA A 27 12.00 -0.87 16.16
N LYS A 28 11.14 -1.74 16.67
CA LYS A 28 11.45 -2.54 17.86
C LYS A 28 12.52 -3.57 17.54
N PHE A 29 12.36 -4.26 16.42
CA PHE A 29 13.37 -5.18 15.91
C PHE A 29 14.71 -4.47 15.69
N ASN A 30 14.65 -3.26 15.15
CA ASN A 30 15.84 -2.42 14.92
C ASN A 30 16.61 -2.11 16.20
N GLU A 31 15.90 -1.80 17.27
CA GLU A 31 16.51 -1.56 18.58
C GLU A 31 17.17 -2.81 19.17
N ARG A 32 16.58 -3.98 18.92
CA ARG A 32 17.12 -5.23 19.42
C ARG A 32 18.29 -5.74 18.57
N TYR A 33 18.14 -5.64 17.24
CA TYR A 33 19.16 -6.10 16.29
C TYR A 33 19.46 -4.97 15.30
N PRO A 34 20.22 -3.95 15.73
CA PRO A 34 20.53 -2.81 14.87
C PRO A 34 21.43 -3.09 13.65
N HIS A 35 22.07 -4.25 13.60
CA HIS A 35 22.98 -4.58 12.50
C HIS A 35 22.33 -5.42 11.40
N ILE A 36 21.04 -5.72 11.55
CA ILE A 36 20.28 -6.41 10.50
C ILE A 36 19.54 -5.37 9.66
N ARG A 37 19.82 -5.38 8.37
CA ARG A 37 19.27 -4.40 7.44
C ARG A 37 18.06 -4.97 6.71
N LEU A 38 16.87 -4.74 7.26
CA LEU A 38 15.65 -5.28 6.68
C LEU A 38 15.40 -4.72 5.28
N SER A 39 14.92 -5.59 4.40
CA SER A 39 14.42 -5.20 3.10
C SER A 39 13.01 -5.77 3.01
N LEU A 40 12.01 -4.89 3.05
CA LEU A 40 10.61 -5.30 3.03
C LEU A 40 10.03 -5.00 1.64
N VAL A 41 9.68 -6.06 0.91
CA VAL A 41 9.11 -5.90 -0.42
C VAL A 41 7.69 -6.45 -0.45
N SER A 42 6.87 -5.93 -1.35
CA SER A 42 5.51 -6.44 -1.53
C SER A 42 5.28 -6.83 -2.97
N SER A 43 4.73 -8.03 -3.15
CA SER A 43 4.50 -8.59 -4.48
C SER A 43 3.21 -9.40 -4.48
N GLU A 44 2.95 -10.06 -5.62
CA GLU A 44 1.88 -11.04 -5.76
C GLU A 44 2.41 -12.43 -5.43
N GLY A 45 1.66 -13.17 -4.63
CA GLY A 45 1.90 -14.59 -4.40
C GLY A 45 3.31 -14.97 -3.99
N TYR A 46 3.70 -16.19 -4.36
CA TYR A 46 4.93 -16.81 -3.85
C TYR A 46 6.10 -16.82 -4.85
N ILE A 47 6.03 -15.96 -5.87
CA ILE A 47 7.00 -16.02 -6.98
C ILE A 47 8.42 -15.58 -6.56
N ASN A 48 8.51 -14.50 -5.78
CA ASN A 48 9.80 -14.04 -5.25
C ASN A 48 10.46 -15.09 -4.36
N LEU A 49 9.68 -15.64 -3.43
CA LEU A 49 10.16 -16.69 -2.53
C LEU A 49 10.62 -17.92 -3.31
N ILE A 50 9.74 -18.43 -4.15
CA ILE A 50 10.01 -19.63 -4.97
C ILE A 50 11.29 -19.46 -5.80
N GLU A 51 11.40 -18.33 -6.48
CA GLU A 51 12.59 -18.02 -7.30
C GLU A 51 13.75 -17.44 -6.49
N ARG A 52 13.65 -17.55 -5.16
CA ARG A 52 14.73 -17.23 -4.22
C ARG A 52 15.18 -15.76 -4.26
N LYS A 53 14.26 -14.87 -4.64
CA LYS A 53 14.51 -13.43 -4.65
C LYS A 53 14.41 -12.82 -3.24
N VAL A 54 13.68 -13.48 -2.34
CA VAL A 54 13.60 -13.08 -0.95
C VAL A 54 13.92 -14.25 -0.02
N ASP A 55 14.22 -13.94 1.25
CA ASP A 55 14.57 -14.96 2.24
C ASP A 55 13.33 -15.55 2.91
N ILE A 56 12.30 -14.73 3.10
CA ILE A 56 11.10 -15.15 3.80
C ILE A 56 9.85 -14.46 3.26
N ALA A 57 8.75 -15.20 3.24
CA ALA A 57 7.45 -14.68 2.82
C ALA A 57 6.44 -14.81 3.96
N LEU A 58 5.73 -13.72 4.25
CA LEU A 58 4.63 -13.74 5.21
C LEU A 58 3.31 -13.78 4.46
N ARG A 59 2.68 -14.96 4.41
CA ARG A 59 1.49 -15.14 3.61
C ARG A 59 0.51 -16.15 4.23
N ALA A 60 -0.77 -15.96 3.94
CA ALA A 60 -1.84 -16.80 4.47
C ALA A 60 -2.09 -18.06 3.66
N GLY A 61 -1.52 -18.13 2.46
CA GLY A 61 -1.76 -19.24 1.53
C GLY A 61 -1.09 -20.53 1.96
N ASP A 64 3.79 -24.50 -1.98
CA ASP A 64 4.24 -25.82 -1.53
C ASP A 64 5.22 -26.49 -2.52
N ASP A 65 6.00 -25.69 -3.24
CA ASP A 65 7.07 -26.22 -4.09
C ASP A 65 8.19 -26.70 -3.19
N SER A 66 8.16 -28.00 -2.86
CA SER A 66 8.80 -28.49 -1.64
C SER A 66 10.25 -28.29 -1.18
N GLY A 67 10.45 -28.35 0.15
CA GLY A 67 11.61 -27.77 0.80
C GLY A 67 11.17 -26.57 1.63
N LEU A 68 9.92 -26.14 1.41
CA LEU A 68 9.32 -25.05 2.17
C LEU A 68 9.02 -25.45 3.61
N ARG A 69 9.27 -24.51 4.52
CA ARG A 69 8.83 -24.60 5.90
C ARG A 69 7.79 -23.50 6.12
N ALA A 70 6.87 -23.73 7.05
CA ALA A 70 5.87 -22.74 7.40
C ALA A 70 5.78 -22.62 8.92
N ARG A 71 6.06 -21.43 9.43
CA ARG A 71 5.94 -21.17 10.86
C ARG A 71 4.73 -20.27 11.10
N HIS A 72 3.83 -20.74 11.96
CA HIS A 72 2.63 -20.01 12.32
C HIS A 72 2.98 -18.69 12.99
N LEU A 73 2.31 -17.63 12.57
CA LEU A 73 2.47 -16.31 13.19
C LEU A 73 1.21 -15.91 13.97
N PHE A 74 0.05 -15.97 13.31
CA PHE A 74 -1.21 -15.60 13.95
C PHE A 74 -2.42 -16.13 13.20
N ASP A 75 -3.58 -16.10 13.85
CA ASP A 75 -4.87 -16.42 13.22
C ASP A 75 -5.71 -15.16 13.09
N SER A 76 -6.45 -15.03 11.99
CA SER A 76 -7.28 -13.84 11.79
C SER A 76 -8.67 -14.14 11.24
N ARG A 77 -9.64 -13.39 11.77
CA ARG A 77 -11.02 -13.41 11.29
C ARG A 77 -11.22 -12.30 10.28
N PHE A 78 -12.19 -12.49 9.39
CA PHE A 78 -12.63 -11.43 8.48
C PHE A 78 -13.72 -10.59 9.14
N ARG A 79 -13.87 -9.37 8.66
CA ARG A 79 -14.91 -8.45 9.12
C ARG A 79 -15.51 -7.76 7.91
N VAL A 80 -16.82 -7.55 7.94
CA VAL A 80 -17.50 -6.75 6.91
C VAL A 80 -17.64 -5.34 7.49
N ILE A 81 -17.27 -4.34 6.69
CA ILE A 81 -17.25 -2.95 7.15
C ILE A 81 -17.68 -1.95 6.10
N ALA A 82 -18.11 -0.78 6.58
CA ALA A 82 -18.33 0.39 5.74
C ALA A 82 -17.98 1.63 6.57
N SER A 83 -17.75 2.77 5.91
CA SER A 83 -17.51 4.02 6.62
C SER A 83 -18.83 4.57 7.16
N PRO A 84 -18.78 5.34 8.27
CA PRO A 84 -19.97 6.03 8.79
C PRO A 84 -20.66 6.91 7.73
N GLU A 85 -19.87 7.52 6.87
CA GLU A 85 -20.38 8.37 5.78
C GLU A 85 -21.19 7.59 4.75
N TYR A 86 -20.78 6.35 4.46
CA TYR A 86 -21.52 5.51 3.51
C TYR A 86 -22.85 5.06 4.10
N LEU A 87 -22.80 4.64 5.36
CA LEU A 87 -23.97 4.10 6.04
C LEU A 87 -25.06 5.17 6.24
N ALA A 88 -24.65 6.41 6.44
CA ALA A 88 -25.58 7.53 6.58
C ALA A 88 -26.28 7.83 5.25
N LYS A 89 -25.57 7.62 4.13
CA LYS A 89 -26.15 7.87 2.80
C LYS A 89 -26.92 6.70 2.21
N HIS A 90 -26.58 5.47 2.61
CA HIS A 90 -27.19 4.27 2.02
C HIS A 90 -27.87 3.35 3.04
N GLY A 91 -27.90 3.74 4.31
CA GLY A 91 -28.41 2.88 5.37
C GLY A 91 -27.46 1.74 5.68
N THR A 92 -27.71 1.04 6.79
CA THR A 92 -26.89 -0.09 7.20
C THR A 92 -27.66 -1.41 6.96
N PRO A 93 -27.01 -2.41 6.34
CA PRO A 93 -27.70 -3.68 6.08
C PRO A 93 -27.98 -4.44 7.37
N GLN A 94 -29.20 -5.00 7.46
CA GLN A 94 -29.67 -5.71 8.65
C GLN A 94 -29.60 -7.23 8.47
N SER A 95 -29.40 -7.68 7.24
CA SER A 95 -29.21 -9.09 6.95
C SER A 95 -28.20 -9.20 5.83
N THR A 96 -27.63 -10.39 5.65
CA THR A 96 -26.70 -10.66 4.58
C THR A 96 -27.33 -10.45 3.20
N GLU A 97 -28.61 -10.78 3.09
CA GLU A 97 -29.32 -10.73 1.81
C GLU A 97 -29.47 -9.30 1.28
N GLU A 98 -29.50 -8.32 2.19
CA GLU A 98 -29.58 -6.90 1.82
C GLU A 98 -28.32 -6.35 1.15
N LEU A 99 -27.21 -7.07 1.26
CA LEU A 99 -25.97 -6.68 0.59
C LEU A 99 -26.14 -6.55 -0.93
N ALA A 100 -27.12 -7.27 -1.49
CA ALA A 100 -27.50 -7.14 -2.90
C ALA A 100 -27.92 -5.71 -3.30
N GLY A 101 -28.53 -4.99 -2.36
CA GLY A 101 -28.92 -3.60 -2.59
C GLY A 101 -27.82 -2.57 -2.39
N HIS A 102 -26.71 -2.99 -1.77
CA HIS A 102 -25.60 -2.09 -1.43
C HIS A 102 -24.43 -2.22 -2.42
N GLN A 103 -23.46 -1.31 -2.30
CA GLN A 103 -22.24 -1.35 -3.12
C GLN A 103 -21.15 -2.15 -2.41
N CYS A 104 -20.81 -3.31 -2.97
CA CYS A 104 -19.78 -4.17 -2.39
C CYS A 104 -18.55 -4.16 -3.29
N LEU A 105 -17.40 -3.85 -2.70
CA LEU A 105 -16.15 -3.76 -3.46
C LEU A 105 -15.40 -5.08 -3.28
N GLY A 106 -14.72 -5.53 -4.33
CA GLY A 106 -14.01 -6.80 -4.28
C GLY A 106 -12.63 -6.81 -4.90
N PHE A 107 -12.02 -7.99 -4.95
CA PHE A 107 -10.73 -8.19 -5.59
C PHE A 107 -10.92 -8.48 -7.07
N THR A 108 -10.01 -7.96 -7.89
CA THR A 108 -9.89 -8.36 -9.29
C THR A 108 -9.55 -9.85 -9.35
N GLU A 109 -8.62 -10.25 -8.49
CA GLU A 109 -8.20 -11.64 -8.35
C GLU A 109 -7.45 -11.78 -7.01
N PRO A 110 -7.53 -12.97 -6.38
CA PRO A 110 -8.29 -14.16 -6.79
C PRO A 110 -9.79 -13.99 -6.52
N GLY A 111 -10.61 -14.55 -7.40
CA GLY A 111 -12.07 -14.42 -7.32
C GLY A 111 -12.70 -15.13 -6.13
N SER A 112 -12.00 -16.12 -5.60
CA SER A 112 -12.43 -16.85 -4.40
C SER A 112 -12.57 -15.93 -3.17
N LEU A 113 -11.78 -14.85 -3.16
CA LEU A 113 -11.81 -13.87 -2.08
C LEU A 113 -13.08 -13.02 -2.08
N ASN A 114 -13.78 -12.99 -3.21
CA ASN A 114 -15.08 -12.32 -3.31
C ASN A 114 -16.26 -13.19 -2.83
N THR A 115 -15.95 -14.41 -2.38
CA THR A 115 -16.84 -15.16 -1.51
C THR A 115 -16.58 -14.66 -0.10
N TRP A 116 -17.49 -13.85 0.42
CA TRP A 116 -17.29 -13.22 1.72
C TRP A 116 -17.49 -14.19 2.88
N ALA A 117 -16.96 -13.80 4.03
CA ALA A 117 -17.07 -14.59 5.26
C ALA A 117 -18.36 -14.28 6.02
N VAL A 118 -19.35 -13.71 5.33
CA VAL A 118 -20.64 -13.40 5.93
C VAL A 118 -21.67 -14.41 5.42
N LEU A 119 -22.33 -15.09 6.36
CA LEU A 119 -23.24 -16.19 6.02
C LEU A 119 -24.68 -15.69 5.82
N ASP A 120 -25.35 -16.21 4.79
CA ASP A 120 -26.76 -15.87 4.52
C ASP A 120 -27.69 -16.67 5.45
N ALA A 121 -29.00 -16.62 5.17
CA ALA A 121 -29.98 -17.29 6.02
C ALA A 121 -29.81 -18.81 6.08
N GLN A 122 -29.29 -19.39 5.01
CA GLN A 122 -29.08 -20.84 4.91
C GLN A 122 -27.73 -21.25 5.50
N GLY A 123 -26.89 -20.28 5.84
CA GLY A 123 -25.56 -20.55 6.38
C GLY A 123 -24.51 -20.72 5.28
N ASN A 124 -24.74 -20.06 4.15
CA ASN A 124 -23.81 -20.10 3.02
C ASN A 124 -23.05 -18.79 2.94
N PRO A 125 -21.73 -18.85 2.66
CA PRO A 125 -20.96 -17.62 2.51
C PRO A 125 -21.45 -16.81 1.32
N TYR A 126 -21.62 -15.52 1.51
CA TYR A 126 -22.21 -14.64 0.50
C TYR A 126 -21.21 -14.29 -0.61
N LYS A 127 -21.53 -14.66 -1.85
CA LYS A 127 -20.73 -14.27 -3.00
C LYS A 127 -21.24 -12.95 -3.60
N ILE A 128 -20.33 -11.98 -3.75
CA ILE A 128 -20.71 -10.64 -4.20
C ILE A 128 -20.44 -10.39 -5.68
N SER A 129 -21.18 -9.44 -6.24
CA SER A 129 -20.88 -8.84 -7.53
C SER A 129 -20.18 -7.51 -7.25
N PRO A 130 -18.84 -7.49 -7.33
CA PRO A 130 -18.10 -6.27 -6.98
C PRO A 130 -18.39 -5.09 -7.90
N HIS A 131 -18.87 -3.99 -7.35
CA HIS A 131 -19.05 -2.77 -8.13
C HIS A 131 -17.68 -2.28 -8.60
N PHE A 132 -16.79 -2.02 -7.63
CA PHE A 132 -15.39 -1.70 -7.91
C PHE A 132 -14.52 -2.93 -7.56
N THR A 133 -13.40 -3.06 -8.24
CA THR A 133 -12.41 -4.09 -7.91
C THR A 133 -11.02 -3.48 -7.69
N ALA A 134 -10.14 -4.23 -7.03
CA ALA A 134 -8.77 -3.81 -6.78
C ALA A 134 -7.83 -5.00 -6.65
N SER A 135 -6.54 -4.76 -6.86
CA SER A 135 -5.53 -5.79 -6.82
C SER A 135 -5.08 -6.14 -5.39
N SER A 136 -5.39 -5.26 -4.43
CA SER A 136 -4.88 -5.39 -3.06
C SER A 136 -5.97 -5.06 -2.05
N GLY A 137 -5.91 -5.71 -0.90
CA GLY A 137 -6.81 -5.44 0.22
C GLY A 137 -6.57 -4.07 0.84
N GLU A 138 -5.36 -3.55 0.67
CA GLU A 138 -5.04 -2.19 1.12
C GLU A 138 -5.80 -1.15 0.29
N ILE A 139 -5.91 -1.38 -1.02
CA ILE A 139 -6.69 -0.50 -1.89
C ILE A 139 -8.18 -0.54 -1.48
N LEU A 140 -8.67 -1.73 -1.14
CA LEU A 140 -10.05 -1.89 -0.69
C LEU A 140 -10.31 -1.15 0.63
N ARG A 141 -9.33 -1.19 1.54
CA ARG A 141 -9.43 -0.44 2.80
C ARG A 141 -9.60 1.07 2.56
N SER A 142 -8.82 1.63 1.64
CA SER A 142 -8.91 3.05 1.30
C SER A 142 -10.23 3.41 0.65
N LEU A 143 -10.66 2.60 -0.31
CA LEU A 143 -11.97 2.82 -0.95
C LEU A 143 -13.09 2.83 0.11
N CYS A 144 -13.06 1.85 0.99
CA CYS A 144 -14.01 1.73 2.10
C CYS A 144 -14.00 2.98 2.98
N LEU A 145 -12.82 3.37 3.45
CA LEU A 145 -12.64 4.58 4.25
C LEU A 145 -13.21 5.83 3.56
N SER A 146 -13.06 5.89 2.24
CA SER A 146 -13.52 7.03 1.43
C SER A 146 -15.03 7.01 1.08
N GLY A 147 -15.73 5.96 1.52
CA GLY A 147 -17.19 5.89 1.41
C GLY A 147 -17.71 5.22 0.15
N CYS A 148 -16.87 4.42 -0.52
CA CYS A 148 -17.22 3.84 -1.82
C CYS A 148 -18.07 2.59 -1.73
N GLY A 149 -18.06 1.95 -0.57
CA GLY A 149 -18.89 0.76 -0.37
C GLY A 149 -18.51 -0.09 0.81
N ILE A 150 -18.97 -1.34 0.75
CA ILE A 150 -18.79 -2.32 1.80
C ILE A 150 -17.69 -3.28 1.36
N VAL A 151 -16.82 -3.67 2.29
CA VAL A 151 -15.75 -4.62 1.98
C VAL A 151 -15.64 -5.68 3.07
N CYS A 152 -15.03 -6.80 2.72
CA CYS A 152 -14.73 -7.85 3.67
C CYS A 152 -13.21 -8.02 3.70
N LEU A 153 -12.60 -7.69 4.83
CA LEU A 153 -11.14 -7.70 4.95
C LEU A 153 -10.70 -8.30 6.28
N SER A 154 -9.44 -8.67 6.35
CA SER A 154 -8.86 -9.31 7.54
C SER A 154 -8.84 -8.33 8.71
N ASP A 155 -9.11 -8.85 9.90
CA ASP A 155 -9.22 -8.04 11.11
C ASP A 155 -8.03 -7.07 11.32
N PHE A 156 -6.81 -7.54 11.05
CA PHE A 156 -5.61 -6.71 11.31
C PHE A 156 -5.49 -5.50 10.38
N LEU A 157 -6.19 -5.55 9.25
CA LEU A 157 -6.23 -4.45 8.30
C LEU A 157 -7.15 -3.33 8.80
N VAL A 158 -8.26 -3.69 9.43
CA VAL A 158 -9.31 -2.73 9.77
C VAL A 158 -9.61 -2.55 11.26
N ASP A 159 -9.08 -3.42 12.11
CA ASP A 159 -9.42 -3.40 13.55
C ASP A 159 -9.17 -2.05 14.21
N ASN A 160 -8.06 -1.42 13.85
CA ASN A 160 -7.69 -0.13 14.40
C ASN A 160 -8.62 0.99 13.92
N ASP A 161 -9.02 0.92 12.65
CA ASP A 161 -10.02 1.85 12.11
C ASP A 161 -11.36 1.72 12.83
N ILE A 162 -11.75 0.48 13.13
CA ILE A 162 -12.97 0.20 13.87
C ILE A 162 -12.86 0.75 15.29
N ALA A 163 -11.67 0.63 15.87
CA ALA A 163 -11.36 1.21 17.17
C ALA A 163 -11.50 2.73 17.16
N GLU A 164 -10.91 3.35 16.14
CA GLU A 164 -10.94 4.81 15.97
C GLU A 164 -12.29 5.33 15.48
N GLY A 165 -13.21 4.44 15.11
CA GLY A 165 -14.53 4.83 14.61
C GLY A 165 -14.56 5.26 13.14
N LYS A 166 -13.46 5.03 12.42
CA LYS A 166 -13.40 5.37 10.98
C LYS A 166 -14.14 4.36 10.10
N LEU A 167 -14.20 3.10 10.54
CA LEU A 167 -14.95 2.06 9.82
C LEU A 167 -15.90 1.38 10.79
N ILE A 168 -17.08 0.98 10.30
CA ILE A 168 -18.12 0.38 11.13
C ILE A 168 -18.29 -1.10 10.78
N PRO A 169 -18.19 -1.99 11.78
CA PRO A 169 -18.50 -3.40 11.52
C PRO A 169 -19.98 -3.62 11.21
N LEU A 170 -20.24 -4.41 10.17
CA LEU A 170 -21.60 -4.72 9.74
C LEU A 170 -21.89 -6.20 9.97
N LEU A 171 -23.17 -6.53 10.10
CA LEU A 171 -23.64 -7.92 10.13
C LEU A 171 -22.74 -8.80 11.00
N ALA A 172 -22.54 -8.37 12.25
CA ALA A 172 -21.66 -9.03 13.20
C ALA A 172 -22.06 -10.47 13.51
N GLU A 173 -23.36 -10.71 13.71
CA GLU A 173 -23.87 -12.06 13.99
C GLU A 173 -23.79 -13.02 12.79
N GLN A 174 -23.99 -12.48 11.58
CA GLN A 174 -23.94 -13.28 10.36
C GLN A 174 -22.50 -13.57 9.88
N THR A 175 -21.54 -12.78 10.36
CA THR A 175 -20.15 -12.92 9.90
C THR A 175 -19.44 -14.09 10.60
N SER A 176 -18.78 -14.95 9.81
CA SER A 176 -18.13 -16.15 10.32
C SER A 176 -17.11 -15.89 11.42
N ASP A 177 -17.11 -16.77 12.40
CA ASP A 177 -16.17 -16.73 13.53
C ASP A 177 -14.85 -17.44 13.18
N LYS A 178 -14.88 -18.27 12.13
CA LYS A 178 -13.71 -19.04 11.69
C LYS A 178 -12.51 -18.14 11.37
N THR A 179 -11.33 -18.61 11.76
CA THR A 179 -10.09 -17.91 11.53
C THR A 179 -9.27 -18.62 10.46
N HIS A 180 -8.39 -17.86 9.80
CA HIS A 180 -7.42 -18.43 8.89
C HIS A 180 -6.01 -18.08 9.39
N PRO A 181 -5.06 -19.04 9.28
CA PRO A 181 -3.70 -18.82 9.78
C PRO A 181 -2.84 -18.01 8.84
N PHE A 182 -1.91 -17.23 9.40
CA PHE A 182 -0.86 -16.57 8.61
C PHE A 182 0.47 -17.12 9.08
N ASN A 183 1.32 -17.46 8.12
CA ASN A 183 2.59 -18.11 8.38
C ASN A 183 3.75 -17.32 7.80
N ALA A 184 4.93 -17.55 8.36
CA ALA A 184 6.17 -17.17 7.73
C ALA A 184 6.62 -18.39 6.95
N VAL A 185 6.89 -18.21 5.66
CA VAL A 185 7.23 -19.30 4.76
C VAL A 185 8.65 -19.09 4.21
N TYR A 186 9.43 -20.16 4.15
CA TYR A 186 10.84 -20.05 3.78
C TYR A 186 11.38 -21.44 3.46
N TYR A 187 12.48 -21.49 2.72
CA TYR A 187 13.13 -22.75 2.40
C TYR A 187 14.04 -23.20 3.54
N SER A 188 14.06 -24.52 3.75
CA SER A 188 14.82 -25.15 4.84
C SER A 188 16.25 -24.66 4.94
N ASP A 189 16.94 -24.60 3.80
CA ASP A 189 18.35 -24.18 3.74
C ASP A 189 18.60 -22.75 4.27
N LYS A 190 17.60 -21.87 4.14
CA LYS A 190 17.70 -20.49 4.63
C LYS A 190 17.54 -20.39 6.16
N ALA A 191 17.06 -21.47 6.79
CA ALA A 191 16.90 -21.52 8.24
C ALA A 191 18.23 -21.51 8.99
N VAL A 192 19.31 -21.84 8.30
CA VAL A 192 20.65 -21.84 8.88
C VAL A 192 21.12 -20.42 9.22
N ASN A 193 20.58 -19.42 8.52
CA ASN A 193 20.95 -18.02 8.72
C ASN A 193 20.39 -17.48 10.03
N LEU A 194 21.28 -16.93 10.86
CA LEU A 194 20.96 -16.44 12.19
C LEU A 194 19.90 -15.33 12.16
N ARG A 195 20.08 -14.37 11.27
CA ARG A 195 19.18 -13.21 11.19
C ARG A 195 17.74 -13.57 10.78
N LEU A 196 17.59 -14.61 9.95
CA LEU A 196 16.27 -15.15 9.64
C LEU A 196 15.67 -15.81 10.89
N ARG A 197 16.51 -16.52 11.64
CA ARG A 197 16.07 -17.19 12.86
C ARG A 197 15.61 -16.21 13.95
N VAL A 198 16.38 -15.16 14.19
CA VAL A 198 16.01 -14.16 15.20
C VAL A 198 14.82 -13.33 14.75
N PHE A 199 14.69 -13.12 13.44
CA PHE A 199 13.53 -12.42 12.89
C PHE A 199 12.25 -13.25 13.05
N LEU A 200 12.32 -14.52 12.68
CA LEU A 200 11.22 -15.46 12.90
C LEU A 200 10.83 -15.53 14.38
N ASP A 201 11.81 -15.69 15.26
CA ASP A 201 11.54 -15.75 16.70
C ASP A 201 10.82 -14.49 17.16
N PHE A 202 11.33 -13.34 16.74
CA PHE A 202 10.72 -12.05 17.05
C PHE A 202 9.26 -11.96 16.57
N LEU A 203 9.03 -12.36 15.32
CA LEU A 203 7.68 -12.31 14.73
C LEU A 203 6.68 -13.22 15.44
N VAL A 204 7.13 -14.40 15.83
CA VAL A 204 6.29 -15.34 16.56
C VAL A 204 5.92 -14.77 17.94
N GLU A 205 6.91 -14.21 18.64
CA GLU A 205 6.68 -13.57 19.94
C GLU A 205 5.73 -12.39 19.80
N GLU A 206 6.03 -11.49 18.87
CA GLU A 206 5.28 -10.25 18.75
C GLU A 206 3.86 -10.44 18.20
N LEU A 207 3.69 -11.28 17.19
CA LEU A 207 2.40 -11.41 16.49
C LEU A 207 1.36 -12.32 17.16
N GLY A 208 1.69 -12.89 18.32
CA GLY A 208 0.68 -13.60 19.13
C GLY A 208 1.27 -14.60 20.11
N PRO B 5 -21.79 7.05 -20.03
CA PRO B 5 -20.57 6.29 -19.77
C PRO B 5 -20.84 5.08 -18.87
N GLN B 6 -20.45 3.90 -19.32
CA GLN B 6 -20.66 2.67 -18.57
C GLN B 6 -19.61 1.61 -18.86
N GLY B 7 -19.45 0.67 -17.93
CA GLY B 7 -18.53 -0.45 -18.12
C GLY B 7 -17.27 -0.32 -17.28
N VAL B 8 -16.35 -1.27 -17.49
CA VAL B 8 -15.15 -1.39 -16.65
C VAL B 8 -13.98 -0.58 -17.18
N LEU B 9 -13.39 0.22 -16.31
CA LEU B 9 -12.18 0.98 -16.61
C LEU B 9 -11.09 0.55 -15.64
N SER B 10 -10.00 0.01 -16.17
CA SER B 10 -8.88 -0.46 -15.35
C SER B 10 -7.78 0.59 -15.25
N VAL B 11 -7.53 1.06 -14.03
CA VAL B 11 -6.53 2.10 -13.76
C VAL B 11 -5.38 1.54 -12.93
N ASP B 12 -4.16 1.73 -13.43
CA ASP B 12 -2.97 1.18 -12.83
C ASP B 12 -2.09 2.31 -12.29
N SER B 13 -1.47 2.08 -11.13
CA SER B 13 -0.54 3.05 -10.56
C SER B 13 0.29 2.46 -9.43
N ALA B 14 1.25 3.22 -8.94
CA ALA B 14 2.00 2.81 -7.77
C ALA B 14 1.09 2.93 -6.55
N PRO B 16 1.19 4.45 -3.57
CA PRO B 16 0.89 5.76 -2.98
C PRO B 16 -0.13 6.59 -3.76
N VAL B 18 -2.59 5.36 -5.67
CA VAL B 18 -3.91 4.72 -5.49
C VAL B 18 -4.51 5.07 -4.12
N LEU B 19 -3.70 4.94 -3.07
CA LEU B 19 -4.20 5.11 -1.69
C LEU B 19 -4.48 6.55 -1.28
N HIS B 20 -3.62 7.48 -1.69
CA HIS B 20 -3.72 8.86 -1.21
C HIS B 20 -4.46 9.80 -2.17
N LEU B 21 -4.60 9.39 -3.43
CA LEU B 21 -5.11 10.28 -4.48
C LEU B 21 -6.35 9.69 -5.18
N LEU B 22 -6.24 8.47 -5.70
CA LEU B 22 -7.37 7.85 -6.39
C LEU B 22 -8.49 7.46 -5.42
N ALA B 23 -8.18 6.58 -4.47
CA ALA B 23 -9.17 6.07 -3.51
C ALA B 23 -10.08 7.17 -2.90
N PRO B 24 -9.48 8.26 -2.38
CA PRO B 24 -10.29 9.38 -1.87
C PRO B 24 -11.29 10.00 -2.87
N LEU B 25 -10.91 10.03 -4.15
CA LEU B 25 -11.74 10.61 -5.20
C LEU B 25 -12.71 9.62 -5.85
N ALA B 26 -12.56 8.34 -5.56
CA ALA B 26 -13.35 7.30 -6.21
C ALA B 26 -14.84 7.37 -5.85
N ALA B 27 -15.14 7.85 -4.64
CA ALA B 27 -16.53 7.99 -4.16
C ALA B 27 -17.25 9.14 -4.85
N LYS B 28 -16.54 10.24 -5.08
CA LYS B 28 -17.07 11.37 -5.85
C LYS B 28 -17.26 11.00 -7.32
N PHE B 29 -16.29 10.28 -7.88
CA PHE B 29 -16.37 9.79 -9.26
C PHE B 29 -17.55 8.84 -9.45
N ASN B 30 -17.81 8.04 -8.41
CA ASN B 30 -18.90 7.06 -8.41
C ASN B 30 -20.28 7.73 -8.42
N GLU B 31 -20.43 8.83 -7.69
CA GLU B 31 -21.69 9.56 -7.66
C GLU B 31 -22.00 10.22 -9.01
N ARG B 32 -20.97 10.75 -9.68
CA ARG B 32 -21.16 11.39 -10.99
C ARG B 32 -21.35 10.36 -12.11
N TYR B 33 -20.57 9.29 -12.08
CA TYR B 33 -20.66 8.22 -13.08
C TYR B 33 -20.87 6.86 -12.41
N PRO B 34 -22.08 6.61 -11.89
CA PRO B 34 -22.36 5.36 -11.16
C PRO B 34 -22.38 4.08 -12.02
N HIS B 35 -22.36 4.23 -13.34
CA HIS B 35 -22.37 3.07 -14.24
C HIS B 35 -20.97 2.64 -14.68
N ILE B 36 -19.93 3.35 -14.24
CA ILE B 36 -18.55 2.97 -14.56
C ILE B 36 -17.97 2.17 -13.40
N ARG B 37 -17.60 0.92 -13.68
CA ARG B 37 -16.98 0.05 -12.69
C ARG B 37 -15.44 0.19 -12.72
N LEU B 38 -14.90 1.06 -11.87
CA LEU B 38 -13.45 1.24 -11.78
C LEU B 38 -12.78 -0.04 -11.28
N SER B 39 -11.64 -0.36 -11.90
CA SER B 39 -10.77 -1.43 -11.41
C SER B 39 -9.39 -0.82 -11.11
N LEU B 40 -9.07 -0.70 -9.82
CA LEU B 40 -7.86 0.00 -9.38
C LEU B 40 -6.77 -1.00 -8.98
N VAL B 41 -5.79 -1.18 -9.86
CA VAL B 41 -4.69 -2.11 -9.63
C VAL B 41 -3.39 -1.36 -9.33
N SER B 42 -2.51 -2.03 -8.59
CA SER B 42 -1.20 -1.48 -8.29
C SER B 42 -0.13 -2.45 -8.76
N SER B 43 0.68 -1.99 -9.72
CA SER B 43 1.79 -2.79 -10.20
C SER B 43 3.04 -1.90 -10.31
N GLU B 44 4.10 -2.49 -10.87
CA GLU B 44 5.43 -1.87 -10.89
C GLU B 44 5.84 -1.57 -12.33
N GLY B 45 6.03 -0.28 -12.63
CA GLY B 45 6.45 0.15 -13.97
C GLY B 45 5.32 0.08 -14.99
N TYR B 46 5.68 0.29 -16.26
CA TYR B 46 4.71 0.42 -17.34
C TYR B 46 4.48 -0.88 -18.11
N ILE B 47 4.60 -2.02 -17.44
CA ILE B 47 4.47 -3.31 -18.12
C ILE B 47 3.00 -3.62 -18.43
N ASN B 48 2.15 -3.57 -17.42
CA ASN B 48 0.70 -3.76 -17.60
C ASN B 48 0.12 -2.83 -18.67
N LEU B 49 0.50 -1.56 -18.63
CA LEU B 49 -0.01 -0.57 -19.58
C LEU B 49 0.41 -0.87 -21.02
N ILE B 50 1.71 -1.06 -21.22
CA ILE B 50 2.27 -1.33 -22.55
C ILE B 50 1.82 -2.67 -23.13
N GLU B 51 1.71 -3.69 -22.28
CA GLU B 51 1.22 -5.01 -22.72
C GLU B 51 -0.31 -5.05 -22.78
N ARG B 52 -0.95 -3.92 -22.51
CA ARG B 52 -2.39 -3.74 -22.67
C ARG B 52 -3.21 -4.59 -21.70
N LYS B 53 -2.79 -4.61 -20.45
CA LYS B 53 -3.51 -5.29 -19.38
C LYS B 53 -4.36 -4.31 -18.57
N VAL B 54 -4.06 -3.01 -18.69
CA VAL B 54 -4.88 -1.96 -18.12
C VAL B 54 -5.14 -0.89 -19.17
N ASP B 55 -6.15 -0.05 -18.94
CA ASP B 55 -6.58 0.99 -19.88
C ASP B 55 -5.77 2.28 -19.74
N ILE B 56 -5.37 2.59 -18.51
CA ILE B 56 -4.70 3.85 -18.21
C ILE B 56 -3.80 3.71 -16.98
N ALA B 57 -2.64 4.36 -17.02
CA ALA B 57 -1.70 4.36 -15.90
C ALA B 57 -1.47 5.78 -15.42
N LEU B 58 -1.41 5.95 -14.11
CA LEU B 58 -1.12 7.25 -13.49
C LEU B 58 0.29 7.17 -12.90
N ARG B 59 1.26 7.79 -13.57
CA ARG B 59 2.66 7.61 -13.22
C ARG B 59 3.51 8.88 -13.37
N ALA B 60 4.64 8.92 -12.65
CA ALA B 60 5.48 10.12 -12.58
C ALA B 60 6.59 10.16 -13.64
N GLY B 61 6.79 9.04 -14.34
CA GLY B 61 7.88 8.95 -15.32
C GLY B 61 7.66 9.82 -16.53
N GLU B 62 8.66 9.83 -17.42
CA GLU B 62 8.59 10.56 -18.68
C GLU B 62 8.83 9.59 -19.84
N LEU B 63 7.76 9.09 -20.42
CA LEU B 63 7.84 8.23 -21.60
C LEU B 63 7.61 9.08 -22.83
N ASP B 64 8.69 9.56 -23.45
CA ASP B 64 8.55 10.16 -24.77
C ASP B 64 9.28 9.31 -25.81
N ASP B 65 8.82 9.48 -27.05
CA ASP B 65 9.14 8.58 -28.18
C ASP B 65 8.61 7.15 -27.96
N SER B 66 7.53 7.03 -27.18
CA SER B 66 6.83 5.76 -26.99
C SER B 66 5.58 5.67 -27.86
N GLY B 67 4.96 6.82 -28.13
CA GLY B 67 3.71 6.86 -28.89
C GLY B 67 2.49 6.95 -28.01
N LEU B 68 2.65 6.62 -26.73
CA LEU B 68 1.58 6.72 -25.72
C LEU B 68 1.23 8.18 -25.45
N ARG B 69 -0.05 8.43 -25.17
CA ARG B 69 -0.52 9.75 -24.80
C ARG B 69 -0.20 10.00 -23.33
N ALA B 70 0.21 11.22 -22.99
CA ALA B 70 0.41 11.64 -21.60
C ALA B 70 -0.43 12.87 -21.33
N ARG B 71 -1.26 12.82 -20.28
CA ARG B 71 -1.98 14.00 -19.85
C ARG B 71 -1.52 14.38 -18.44
N HIS B 72 -1.11 15.63 -18.28
CA HIS B 72 -0.60 16.13 -17.00
C HIS B 72 -1.69 16.16 -15.93
N LEU B 73 -1.35 15.69 -14.73
CA LEU B 73 -2.27 15.65 -13.59
C LEU B 73 -1.89 16.66 -12.50
N PHE B 74 -0.63 16.59 -12.05
CA PHE B 74 -0.12 17.51 -11.02
C PHE B 74 1.40 17.44 -10.89
N ASP B 75 1.96 18.45 -10.22
CA ASP B 75 3.40 18.53 -9.96
C ASP B 75 3.59 18.33 -8.47
N SER B 76 4.67 17.64 -8.10
CA SER B 76 4.96 17.42 -6.69
C SER B 76 6.43 17.62 -6.37
N ARG B 77 6.70 18.15 -5.18
CA ARG B 77 8.05 18.25 -4.64
C ARG B 77 8.31 17.10 -3.69
N PHE B 78 9.59 16.80 -3.47
CA PHE B 78 9.98 15.82 -2.45
C PHE B 78 10.16 16.51 -1.10
N ARG B 79 9.96 15.74 -0.04
CA ARG B 79 10.21 16.22 1.32
C ARG B 79 11.01 15.16 2.07
N VAL B 80 11.94 15.62 2.90
CA VAL B 80 12.69 14.74 3.81
C VAL B 80 11.97 14.77 5.15
N ILE B 81 11.60 13.59 5.66
CA ILE B 81 10.76 13.51 6.87
C ILE B 81 11.23 12.44 7.85
N ALA B 82 10.87 12.63 9.13
CA ALA B 82 11.06 11.62 10.17
C ALA B 82 9.95 11.78 11.22
N SER B 83 9.69 10.72 11.98
CA SER B 83 8.69 10.78 13.03
C SER B 83 9.23 11.57 14.20
N PRO B 84 8.36 12.28 14.95
CA PRO B 84 8.77 12.97 16.17
C PRO B 84 9.53 12.05 17.13
N GLU B 85 9.13 10.78 17.15
CA GLU B 85 9.75 9.78 18.02
C GLU B 85 11.18 9.46 17.62
N TYR B 86 11.44 9.35 16.31
CA TYR B 86 12.80 9.12 15.82
C TYR B 86 13.70 10.30 16.15
N LEU B 87 13.19 11.51 15.92
CA LEU B 87 13.95 12.73 16.15
C LEU B 87 14.22 12.96 17.64
N ALA B 88 13.27 12.55 18.49
CA ALA B 88 13.42 12.65 19.95
C ALA B 88 14.55 11.75 20.47
N LYS B 89 14.72 10.59 19.85
CA LYS B 89 15.72 9.60 20.28
C LYS B 89 17.07 9.74 19.58
N HIS B 90 17.07 10.30 18.37
CA HIS B 90 18.28 10.35 17.55
C HIS B 90 18.81 11.76 17.27
N GLY B 91 18.00 12.77 17.55
CA GLY B 91 18.36 14.15 17.25
C GLY B 91 17.92 14.53 15.86
N THR B 92 17.89 15.83 15.60
CA THR B 92 17.44 16.37 14.32
C THR B 92 18.65 16.80 13.50
N PRO B 93 18.74 16.33 12.24
CA PRO B 93 19.86 16.78 11.42
C PRO B 93 19.71 18.26 11.04
N GLN B 94 20.78 19.03 11.25
CA GLN B 94 20.79 20.47 10.95
C GLN B 94 21.49 20.78 9.64
N SER B 95 22.24 19.81 9.10
CA SER B 95 22.81 19.90 7.76
C SER B 95 22.59 18.58 7.03
N THR B 96 22.78 18.56 5.72
CA THR B 96 22.55 17.35 4.93
C THR B 96 23.67 16.33 5.15
N GLU B 97 24.88 16.83 5.42
CA GLU B 97 26.02 15.97 5.72
C GLU B 97 25.81 15.17 7.03
N GLU B 98 24.99 15.69 7.93
CA GLU B 98 24.61 14.98 9.17
C GLU B 98 23.73 13.74 8.96
N LEU B 99 23.16 13.57 7.77
CA LEU B 99 22.36 12.38 7.46
C LEU B 99 23.19 11.09 7.51
N ALA B 100 24.50 11.22 7.30
CA ALA B 100 25.44 10.10 7.46
C ALA B 100 25.41 9.52 8.87
N GLY B 101 25.13 10.35 9.87
CA GLY B 101 24.94 9.89 11.24
C GLY B 101 23.56 9.32 11.56
N HIS B 102 22.62 9.43 10.63
CA HIS B 102 21.24 8.96 10.86
C HIS B 102 20.87 7.73 10.04
N GLN B 103 19.77 7.10 10.43
CA GLN B 103 19.23 5.97 9.69
C GLN B 103 18.37 6.49 8.56
N CYS B 104 18.87 6.36 7.34
CA CYS B 104 18.13 6.75 6.14
C CYS B 104 17.64 5.50 5.42
N LEU B 105 16.34 5.46 5.15
CA LEU B 105 15.67 4.31 4.53
C LEU B 105 15.43 4.64 3.07
N GLY B 106 15.54 3.64 2.20
CA GLY B 106 15.47 3.85 0.77
C GLY B 106 14.76 2.75 0.01
N PHE B 107 14.77 2.88 -1.31
CA PHE B 107 14.19 1.87 -2.19
C PHE B 107 15.16 0.72 -2.44
N THR B 108 14.61 -0.48 -2.58
CA THR B 108 15.36 -1.62 -3.11
C THR B 108 15.68 -1.32 -4.57
N GLU B 109 14.66 -0.85 -5.27
CA GLU B 109 14.78 -0.40 -6.66
C GLU B 109 13.56 0.49 -6.97
N PRO B 110 13.73 1.50 -7.85
CA PRO B 110 14.97 1.86 -8.55
C PRO B 110 15.93 2.60 -7.61
N GLY B 111 17.23 2.33 -7.77
CA GLY B 111 18.26 2.92 -6.91
C GLY B 111 18.47 4.40 -7.14
N SER B 112 18.06 4.89 -8.32
CA SER B 112 18.13 6.31 -8.63
C SER B 112 17.33 7.16 -7.64
N LEU B 113 16.30 6.57 -7.02
CA LEU B 113 15.52 7.27 -6.00
C LEU B 113 16.25 7.42 -4.67
N ASN B 114 17.31 6.66 -4.45
CA ASN B 114 18.13 6.78 -3.23
C ASN B 114 19.15 7.92 -3.30
N THR B 115 19.15 8.66 -4.40
CA THR B 115 19.81 9.96 -4.46
C THR B 115 18.74 11.00 -4.15
N TRP B 116 18.77 11.52 -2.93
CA TRP B 116 17.70 12.35 -2.40
C TRP B 116 17.69 13.77 -2.96
N ALA B 117 16.53 14.42 -2.89
CA ALA B 117 16.35 15.79 -3.37
C ALA B 117 16.69 16.80 -2.28
N VAL B 118 17.72 16.51 -1.50
CA VAL B 118 18.25 17.42 -0.48
C VAL B 118 19.70 17.65 -0.85
N LEU B 119 20.08 18.92 -1.02
CA LEU B 119 21.38 19.28 -1.57
C LEU B 119 22.43 19.38 -0.49
N ASP B 120 23.62 18.86 -0.76
CA ASP B 120 24.73 18.97 0.19
C ASP B 120 25.39 20.35 0.11
N ALA B 121 26.46 20.53 0.88
CA ALA B 121 27.16 21.83 0.97
C ALA B 121 27.63 22.38 -0.38
N GLN B 122 27.89 21.50 -1.34
CA GLN B 122 28.35 21.90 -2.68
C GLN B 122 27.19 22.09 -3.66
N GLY B 123 25.97 21.80 -3.23
CA GLY B 123 24.77 21.97 -4.07
C GLY B 123 24.45 20.73 -4.89
N ASN B 124 24.90 19.57 -4.42
CA ASN B 124 24.66 18.31 -5.12
C ASN B 124 23.69 17.42 -4.35
N PRO B 125 22.73 16.79 -5.04
CA PRO B 125 21.81 15.85 -4.39
C PRO B 125 22.53 14.75 -3.60
N TYR B 126 22.04 14.47 -2.40
CA TYR B 126 22.72 13.58 -1.47
C TYR B 126 22.32 12.12 -1.68
N LYS B 127 23.31 11.29 -2.01
CA LYS B 127 23.10 9.87 -2.18
C LYS B 127 23.24 9.16 -0.84
N ILE B 128 22.21 8.43 -0.44
CA ILE B 128 22.21 7.78 0.87
C ILE B 128 22.70 6.34 0.78
N SER B 129 23.08 5.80 1.93
CA SER B 129 23.32 4.36 2.09
C SER B 129 22.15 3.82 2.91
N PRO B 130 21.15 3.22 2.23
CA PRO B 130 19.94 2.85 2.97
C PRO B 130 20.19 1.86 4.10
N HIS B 131 19.60 2.13 5.27
CA HIS B 131 19.64 1.18 6.37
C HIS B 131 18.59 0.09 6.13
N PHE B 132 17.34 0.51 5.99
CA PHE B 132 16.27 -0.36 5.52
C PHE B 132 15.97 -0.01 4.06
N THR B 133 15.51 -1.01 3.30
CA THR B 133 15.04 -0.78 1.95
C THR B 133 13.62 -1.29 1.83
N ALA B 134 12.90 -0.82 0.81
CA ALA B 134 11.55 -1.27 0.53
C ALA B 134 11.21 -1.11 -0.95
N SER B 135 10.23 -1.88 -1.42
CA SER B 135 9.87 -1.86 -2.85
C SER B 135 8.83 -0.79 -3.18
N SER B 136 8.29 -0.13 -2.17
CA SER B 136 7.25 0.87 -2.36
C SER B 136 7.45 2.07 -1.47
N GLY B 137 7.16 3.25 -2.00
CA GLY B 137 7.13 4.46 -1.20
C GLY B 137 6.14 4.38 -0.04
N GLU B 138 5.10 3.57 -0.21
CA GLU B 138 4.07 3.41 0.80
C GLU B 138 4.62 2.67 2.03
N ILE B 139 5.51 1.71 1.79
CA ILE B 139 6.19 0.96 2.86
C ILE B 139 7.20 1.87 3.58
N LEU B 140 7.91 2.69 2.82
CA LEU B 140 8.84 3.66 3.39
C LEU B 140 8.12 4.65 4.31
N ARG B 141 6.93 5.09 3.91
CA ARG B 141 6.09 5.98 4.73
C ARG B 141 5.74 5.32 6.07
N SER B 142 5.34 4.06 6.03
CA SER B 142 4.98 3.31 7.24
C SER B 142 6.16 3.13 8.19
N LEU B 143 7.30 2.75 7.64
CA LEU B 143 8.56 2.66 8.40
C LEU B 143 8.92 4.01 9.03
N CYS B 144 8.77 5.10 8.27
CA CYS B 144 9.01 6.43 8.82
C CYS B 144 8.03 6.76 9.95
N LEU B 145 6.74 6.51 9.74
CA LEU B 145 5.73 6.72 10.77
C LEU B 145 6.04 5.96 12.08
N SER B 146 6.59 4.74 11.97
CA SER B 146 6.91 3.94 13.15
C SER B 146 8.32 4.16 13.73
N GLY B 147 9.02 5.19 13.23
CA GLY B 147 10.26 5.67 13.86
C GLY B 147 11.54 4.95 13.46
N CYS B 148 11.58 4.43 12.24
CA CYS B 148 12.72 3.65 11.76
C CYS B 148 13.80 4.51 11.13
N GLY B 149 13.48 5.76 10.83
CA GLY B 149 14.48 6.69 10.31
C GLY B 149 13.93 7.74 9.38
N ILE B 150 14.84 8.31 8.60
CA ILE B 150 14.56 9.43 7.72
C ILE B 150 14.32 8.89 6.32
N VAL B 151 13.28 9.40 5.66
CA VAL B 151 13.02 9.06 4.27
C VAL B 151 12.80 10.31 3.45
N CYS B 152 12.83 10.14 2.13
CA CYS B 152 12.57 11.20 1.17
C CYS B 152 11.46 10.74 0.23
N LEU B 153 10.31 11.39 0.34
CA LEU B 153 9.10 10.94 -0.36
C LEU B 153 8.34 12.11 -0.97
N SER B 154 7.46 11.78 -1.92
CA SER B 154 6.65 12.79 -2.60
C SER B 154 5.69 13.45 -1.65
N ASP B 155 5.46 14.74 -1.86
CA ASP B 155 4.64 15.56 -0.96
C ASP B 155 3.24 14.97 -0.70
N PHE B 156 2.57 14.49 -1.74
CA PHE B 156 1.19 13.98 -1.61
C PHE B 156 1.10 12.75 -0.70
N LEU B 157 2.22 12.06 -0.52
CA LEU B 157 2.31 10.87 0.32
C LEU B 157 2.43 11.22 1.82
N VAL B 158 3.07 12.34 2.14
CA VAL B 158 3.38 12.70 3.53
C VAL B 158 2.78 14.03 4.05
N ASP B 159 2.22 14.84 3.17
CA ASP B 159 1.74 16.18 3.58
C ASP B 159 0.65 16.14 4.66
N ASN B 160 -0.25 15.17 4.58
CA ASN B 160 -1.30 15.05 5.59
C ASN B 160 -0.77 14.56 6.92
N ASP B 161 0.25 13.68 6.88
CA ASP B 161 0.98 13.26 8.08
C ASP B 161 1.69 14.43 8.76
N ILE B 162 2.30 15.30 7.96
CA ILE B 162 2.95 16.51 8.48
C ILE B 162 1.91 17.42 9.15
N ALA B 163 0.77 17.64 8.48
CA ALA B 163 -0.35 18.43 9.02
C ALA B 163 -0.92 17.85 10.33
N GLU B 164 -0.96 16.52 10.43
CA GLU B 164 -1.43 15.83 11.63
C GLU B 164 -0.35 15.70 12.72
N GLY B 165 0.87 16.16 12.43
CA GLY B 165 1.98 16.10 13.37
C GLY B 165 2.60 14.72 13.51
N LYS B 166 2.29 13.81 12.59
CA LYS B 166 2.81 12.45 12.65
C LYS B 166 4.19 12.33 12.01
N LEU B 167 4.52 13.28 11.14
CA LEU B 167 5.84 13.37 10.53
C LEU B 167 6.34 14.81 10.65
N ILE B 168 7.66 14.97 10.72
CA ILE B 168 8.28 16.29 10.83
C ILE B 168 9.19 16.50 9.61
N PRO B 169 8.99 17.60 8.85
CA PRO B 169 9.87 17.87 7.70
C PRO B 169 11.25 18.33 8.12
N LEU B 170 12.28 17.75 7.51
CA LEU B 170 13.68 18.00 7.87
C LEU B 170 14.39 18.78 6.77
N LEU B 171 15.43 19.50 7.16
CA LEU B 171 16.37 20.15 6.23
C LEU B 171 15.64 20.90 5.12
N ALA B 172 14.66 21.71 5.49
CA ALA B 172 13.77 22.33 4.51
C ALA B 172 14.50 23.27 3.55
N GLU B 173 15.45 24.04 4.06
CA GLU B 173 16.20 24.99 3.24
C GLU B 173 17.08 24.25 2.23
N GLN B 174 17.67 23.14 2.66
CA GLN B 174 18.54 22.35 1.79
C GLN B 174 17.75 21.52 0.77
N THR B 175 16.44 21.37 0.99
CA THR B 175 15.61 20.52 0.15
C THR B 175 15.29 21.18 -1.18
N SER B 176 15.49 20.43 -2.27
CA SER B 176 15.25 20.94 -3.61
C SER B 176 13.78 21.34 -3.82
N ASP B 177 13.59 22.55 -4.34
CA ASP B 177 12.27 23.09 -4.63
C ASP B 177 11.70 22.59 -5.96
N LYS B 178 12.53 21.97 -6.80
CA LYS B 178 12.09 21.44 -8.09
C LYS B 178 10.96 20.43 -7.91
N THR B 179 10.02 20.44 -8.85
CA THR B 179 8.88 19.53 -8.84
C THR B 179 9.03 18.51 -9.96
N HIS B 180 8.33 17.38 -9.81
CA HIS B 180 8.27 16.35 -10.85
C HIS B 180 6.80 16.13 -11.26
N PRO B 181 6.54 15.98 -12.57
CA PRO B 181 5.17 15.85 -13.06
C PRO B 181 4.61 14.44 -12.91
N PHE B 182 3.31 14.35 -12.66
CA PHE B 182 2.59 13.08 -12.71
C PHE B 182 1.58 13.15 -13.84
N ASN B 183 1.52 12.06 -14.62
CA ASN B 183 0.75 12.00 -15.85
C ASN B 183 -0.20 10.81 -15.88
N ALA B 184 -1.29 10.98 -16.62
CA ALA B 184 -2.13 9.87 -17.03
C ALA B 184 -1.60 9.39 -18.39
N VAL B 185 -1.17 8.14 -18.46
CA VAL B 185 -0.56 7.59 -19.67
C VAL B 185 -1.48 6.52 -20.25
N TYR B 186 -1.64 6.51 -21.57
CA TYR B 186 -2.54 5.57 -22.23
C TYR B 186 -2.29 5.56 -23.73
N TYR B 187 -2.73 4.49 -24.39
CA TYR B 187 -2.67 4.42 -25.85
C TYR B 187 -3.76 5.29 -26.45
N SER B 188 -3.43 5.95 -27.56
CA SER B 188 -4.36 6.82 -28.27
C SER B 188 -5.66 6.12 -28.64
N ASP B 189 -5.54 4.88 -29.12
CA ASP B 189 -6.69 4.09 -29.57
C ASP B 189 -7.75 3.90 -28.49
N LYS B 190 -7.32 3.88 -27.23
CA LYS B 190 -8.23 3.73 -26.10
C LYS B 190 -8.87 5.05 -25.68
N ALA B 191 -8.49 6.16 -26.29
CA ALA B 191 -9.16 7.44 -26.05
C ALA B 191 -10.57 7.44 -26.62
N VAL B 192 -10.83 6.55 -27.57
CA VAL B 192 -12.15 6.39 -28.16
C VAL B 192 -13.24 6.21 -27.09
N ASN B 193 -12.94 5.41 -26.06
CA ASN B 193 -13.93 5.11 -25.01
C ASN B 193 -14.25 6.31 -24.12
N LEU B 194 -15.54 6.60 -24.00
CA LEU B 194 -16.05 7.74 -23.24
C LEU B 194 -15.67 7.68 -21.76
N ARG B 195 -15.74 6.49 -21.18
CA ARG B 195 -15.46 6.30 -19.75
C ARG B 195 -14.02 6.61 -19.34
N LEU B 196 -13.06 6.37 -20.26
CA LEU B 196 -11.67 6.79 -20.05
C LEU B 196 -11.53 8.30 -20.13
N ARG B 197 -12.22 8.90 -21.08
CA ARG B 197 -12.15 10.34 -21.29
C ARG B 197 -12.77 11.11 -20.13
N VAL B 198 -13.92 10.64 -19.64
CA VAL B 198 -14.58 11.26 -18.49
C VAL B 198 -13.81 11.04 -17.19
N PHE B 199 -13.15 9.90 -17.05
CA PHE B 199 -12.26 9.63 -15.92
C PHE B 199 -11.04 10.55 -15.98
N LEU B 200 -10.43 10.65 -17.15
CA LEU B 200 -9.30 11.53 -17.39
C LEU B 200 -9.68 12.99 -17.07
N ASP B 201 -10.79 13.44 -17.65
CA ASP B 201 -11.31 14.81 -17.42
C ASP B 201 -11.49 15.06 -15.93
N PHE B 202 -12.11 14.11 -15.25
CA PHE B 202 -12.34 14.17 -13.81
C PHE B 202 -11.03 14.32 -13.04
N LEU B 203 -10.05 13.53 -13.44
CA LEU B 203 -8.76 13.46 -12.75
C LEU B 203 -7.97 14.76 -12.90
N VAL B 204 -8.06 15.38 -14.07
CA VAL B 204 -7.38 16.65 -14.32
C VAL B 204 -8.03 17.81 -13.52
N GLU B 205 -9.34 17.77 -13.33
CA GLU B 205 -10.05 18.75 -12.50
C GLU B 205 -9.62 18.63 -11.05
N GLU B 206 -9.79 17.44 -10.49
CA GLU B 206 -9.64 17.22 -9.05
C GLU B 206 -8.18 17.25 -8.59
N LEU B 207 -7.26 16.76 -9.42
CA LEU B 207 -5.84 16.73 -9.07
C LEU B 207 -5.13 18.05 -9.39
N GLY B 208 -5.45 18.64 -10.54
CA GLY B 208 -4.87 19.92 -10.94
C GLY B 208 -5.11 21.01 -9.91
#